data_4Y5J
#
_entry.id   4Y5J
#
_cell.length_a   49.824
_cell.length_b   49.824
_cell.length_c   204.992
_cell.angle_alpha   90.00
_cell.angle_beta   90.00
_cell.angle_gamma   120.00
#
_symmetry.space_group_name_H-M   'P 32 1 2'
#
loop_
_entity.id
_entity.type
_entity.pdbx_description
1 polymer 'MINI SPINDLES TOG3'
2 water water
#
_entity_poly.entity_id   1
_entity_poly.type   'polypeptide(L)'
_entity_poly.pdbx_seq_one_letter_code
;GSHMPEELQEKSEEILPAEILNGLVDSNWKNRLAAVEQLLGEISGFDAKQAGISQILIRTISGRKPGLKEMNFQVLKFKL
DIIRSVAENYPLTTTTVDLVINEIIEKLADAKNGAAAADVLSAFAEATKLEYVVGKVLSFAFEQKSPKVQSEAFNWVNRS
IIEFGFQLQPKTLIEDVRKGVQSTNPTVRASAIQMVGTMSMYMGKALMMFFDSEKPALKSQIQVEFDKNVGEKPPKPVRG
VQRSSGGT
;
_entity_poly.pdbx_strand_id   A
#
# COMPACT_ATOMS: atom_id res chain seq x y z
N ILE A 15 24.23 0.19 -15.37
CA ILE A 15 24.60 0.87 -14.13
C ILE A 15 24.81 -0.09 -12.95
N LEU A 16 24.37 -1.33 -13.11
CA LEU A 16 24.73 -2.36 -12.15
C LEU A 16 25.81 -3.23 -12.79
N PRO A 17 26.83 -3.60 -12.00
CA PRO A 17 27.83 -4.54 -12.54
C PRO A 17 27.22 -5.93 -12.63
N ALA A 18 27.61 -6.71 -13.65
CA ALA A 18 27.10 -8.07 -13.85
C ALA A 18 27.19 -8.96 -12.62
N GLU A 19 28.12 -8.64 -11.72
CA GLU A 19 28.26 -9.46 -10.52
C GLU A 19 27.07 -9.31 -9.55
N ILE A 20 26.42 -8.15 -9.53
CA ILE A 20 25.14 -8.01 -8.83
C ILE A 20 24.00 -8.53 -9.70
N LEU A 21 24.03 -8.16 -10.98
CA LEU A 21 23.01 -8.57 -11.94
C LEU A 21 22.94 -10.09 -12.00
N ASN A 22 24.09 -10.76 -11.94
CA ASN A 22 24.10 -12.23 -12.00
C ASN A 22 23.61 -12.82 -10.70
N GLY A 23 24.14 -12.33 -9.58
CA GLY A 23 23.72 -12.76 -8.26
C GLY A 23 22.21 -12.74 -8.08
N LEU A 24 21.56 -11.72 -8.64
CA LEU A 24 20.09 -11.58 -8.60
C LEU A 24 19.32 -12.73 -9.24
N VAL A 25 19.88 -13.39 -10.27
CA VAL A 25 19.19 -14.49 -10.92
C VAL A 25 19.72 -15.87 -10.54
N ASP A 26 20.66 -15.90 -9.60
CA ASP A 26 21.27 -17.15 -9.14
C ASP A 26 20.22 -18.13 -8.62
N SER A 27 20.39 -19.41 -8.97
CA SER A 27 19.51 -20.46 -8.45
C SER A 27 19.52 -20.51 -6.91
N ASN A 28 20.71 -20.47 -6.31
CA ASN A 28 20.91 -20.40 -4.86
C ASN A 28 20.33 -19.12 -4.24
N TRP A 29 19.35 -19.28 -3.37
CA TRP A 29 18.71 -18.14 -2.76
C TRP A 29 19.70 -17.35 -1.90
N LYS A 30 20.82 -17.99 -1.52
CA LYS A 30 21.81 -17.38 -0.64
C LYS A 30 22.64 -16.32 -1.37
N ASN A 31 22.84 -16.50 -2.67
CA ASN A 31 23.50 -15.48 -3.49
C ASN A 31 22.49 -14.35 -3.85
N ARG A 32 21.26 -14.74 -4.20
CA ARG A 32 20.21 -13.75 -4.43
C ARG A 32 20.08 -12.84 -3.21
N LEU A 33 20.08 -13.45 -2.03
CA LEU A 33 20.04 -12.70 -0.79
C LEU A 33 21.18 -11.67 -0.73
N ALA A 34 22.40 -12.15 -1.01
CA ALA A 34 23.56 -11.28 -1.03
C ALA A 34 23.40 -10.19 -2.10
N ALA A 35 23.12 -10.61 -3.34
CA ALA A 35 22.94 -9.64 -4.46
C ALA A 35 21.86 -8.58 -4.18
N VAL A 36 20.72 -9.03 -3.68
CA VAL A 36 19.64 -8.12 -3.30
C VAL A 36 20.11 -7.17 -2.21
N GLU A 37 20.71 -7.72 -1.17
CA GLU A 37 21.12 -6.88 -0.04
C GLU A 37 22.24 -5.97 -0.44
N GLN A 38 23.12 -6.50 -1.28
CA GLN A 38 24.15 -5.70 -1.92
C GLN A 38 23.52 -4.49 -2.60
N LEU A 39 22.63 -4.77 -3.55
CA LEU A 39 21.87 -3.71 -4.22
C LEU A 39 21.19 -2.78 -3.22
N LEU A 40 20.62 -3.37 -2.18
CA LEU A 40 19.93 -2.59 -1.16
C LEU A 40 20.89 -1.67 -0.41
N GLY A 41 22.10 -2.15 -0.13
CA GLY A 41 23.05 -1.34 0.62
C GLY A 41 23.50 -0.09 -0.15
N GLU A 42 23.59 -0.22 -1.46
CA GLU A 42 24.05 0.89 -2.30
C GLU A 42 22.93 1.63 -3.01
N ILE A 43 21.69 1.21 -2.76
CA ILE A 43 20.52 1.78 -3.43
C ILE A 43 20.46 3.28 -3.19
N SER A 44 21.20 3.70 -2.18
CA SER A 44 21.27 5.03 -1.60
C SER A 44 21.77 6.10 -2.56
N GLY A 45 22.77 5.73 -3.34
CA GLY A 45 23.59 6.72 -4.02
C GLY A 45 23.82 6.53 -5.51
N PHE A 46 22.77 6.21 -6.24
CA PHE A 46 22.81 6.34 -7.69
C PHE A 46 22.53 7.80 -7.99
N ASP A 47 22.56 8.16 -9.26
CA ASP A 47 22.41 9.56 -9.64
C ASP A 47 20.96 9.94 -9.62
N ALA A 48 20.54 10.72 -8.60
CA ALA A 48 19.14 11.13 -8.45
C ALA A 48 18.66 12.03 -9.59
N LYS A 49 19.60 12.44 -10.44
CA LYS A 49 19.27 13.32 -11.56
C LYS A 49 19.26 12.56 -12.88
N GLN A 50 19.77 11.33 -12.87
CA GLN A 50 19.69 10.51 -14.08
C GLN A 50 18.21 10.32 -14.44
N ALA A 51 17.90 10.48 -15.70
CA ALA A 51 16.51 10.35 -16.13
C ALA A 51 16.03 8.91 -15.97
N GLY A 52 14.93 8.73 -15.24
CA GLY A 52 14.27 7.45 -15.17
C GLY A 52 15.04 6.45 -14.32
N ILE A 53 15.87 6.98 -13.44
CA ILE A 53 16.75 6.13 -12.65
C ILE A 53 15.91 5.24 -11.73
N SER A 54 14.84 5.83 -11.21
CA SER A 54 13.89 5.12 -10.35
C SER A 54 13.28 3.91 -11.03
N GLN A 55 12.89 4.09 -12.29
CA GLN A 55 12.33 3.06 -13.15
C GLN A 55 13.35 1.97 -13.46
N ILE A 56 14.55 2.37 -13.81
CA ILE A 56 15.62 1.42 -14.05
C ILE A 56 15.85 0.55 -12.81
N LEU A 57 15.96 1.18 -11.65
CA LEU A 57 16.25 0.42 -10.42
C LEU A 57 15.09 -0.51 -10.05
N ILE A 58 13.86 -0.01 -10.11
CA ILE A 58 12.71 -0.87 -9.78
C ILE A 58 12.54 -1.98 -10.85
N ARG A 59 12.78 -1.64 -12.11
CA ARG A 59 12.74 -2.67 -13.17
C ARG A 59 13.67 -3.84 -12.92
N THR A 60 14.85 -3.57 -12.36
CA THR A 60 15.84 -4.63 -12.09
C THR A 60 15.31 -5.68 -11.12
N ILE A 61 14.36 -5.32 -10.27
CA ILE A 61 13.84 -6.25 -9.28
C ILE A 61 12.57 -6.92 -9.77
N SER A 62 11.78 -6.18 -10.55
CA SER A 62 10.46 -6.68 -10.92
C SER A 62 10.43 -7.32 -12.30
N GLY A 63 11.24 -6.80 -13.21
CA GLY A 63 11.12 -7.10 -14.63
C GLY A 63 11.81 -8.37 -15.07
N ARG A 64 12.72 -8.86 -14.23
CA ARG A 64 13.38 -10.12 -14.48
C ARG A 64 12.43 -11.26 -14.09
N LYS A 65 13.01 -12.44 -13.88
CA LYS A 65 12.26 -13.52 -13.25
C LYS A 65 13.16 -14.10 -12.17
N PRO A 66 12.56 -14.57 -11.05
CA PRO A 66 11.11 -14.62 -10.81
C PRO A 66 10.53 -13.27 -10.37
N GLY A 67 11.39 -12.27 -10.17
CA GLY A 67 10.95 -10.94 -9.80
C GLY A 67 10.25 -10.90 -8.45
N LEU A 68 8.99 -10.44 -8.47
CA LEU A 68 8.20 -10.39 -7.25
C LEU A 68 7.39 -11.64 -7.07
N LYS A 69 7.68 -12.66 -7.87
CA LYS A 69 7.13 -13.98 -7.65
C LYS A 69 8.14 -14.82 -6.89
N GLU A 70 9.02 -14.14 -6.16
CA GLU A 70 10.03 -14.78 -5.31
C GLU A 70 9.44 -15.92 -4.51
N MET A 71 10.16 -17.03 -4.46
CA MET A 71 9.73 -18.17 -3.67
C MET A 71 10.31 -18.03 -2.27
N ASN A 72 11.55 -17.57 -2.18
CA ASN A 72 12.16 -17.35 -0.88
C ASN A 72 11.61 -16.09 -0.21
N PHE A 73 10.91 -16.29 0.90
CA PHE A 73 10.23 -15.21 1.58
C PHE A 73 11.22 -14.12 1.94
N GLN A 74 12.45 -14.50 2.29
CA GLN A 74 13.40 -13.51 2.78
C GLN A 74 14.02 -12.69 1.64
N VAL A 75 14.23 -13.32 0.50
CA VAL A 75 14.72 -12.57 -0.65
C VAL A 75 13.66 -11.57 -1.08
N LEU A 76 12.41 -12.01 -1.09
CA LEU A 76 11.27 -11.16 -1.41
C LEU A 76 11.23 -9.95 -0.49
N LYS A 77 11.45 -10.20 0.80
CA LYS A 77 11.39 -9.17 1.82
C LYS A 77 12.32 -8.02 1.45
N PHE A 78 13.55 -8.37 1.14
CA PHE A 78 14.56 -7.38 0.78
C PHE A 78 14.31 -6.77 -0.63
N LYS A 79 13.64 -7.50 -1.52
CA LYS A 79 13.24 -6.93 -2.79
C LYS A 79 12.24 -5.81 -2.58
N LEU A 80 11.24 -6.06 -1.74
CA LEU A 80 10.28 -5.05 -1.33
C LEU A 80 11.04 -3.88 -0.73
N ASP A 81 12.06 -4.17 0.07
CA ASP A 81 12.83 -3.11 0.70
C ASP A 81 13.54 -2.26 -0.33
N ILE A 82 14.02 -2.88 -1.40
CA ILE A 82 14.65 -2.12 -2.47
C ILE A 82 13.64 -1.17 -3.14
N ILE A 83 12.47 -1.70 -3.46
CA ILE A 83 11.46 -0.90 -4.15
C ILE A 83 11.03 0.29 -3.30
N ARG A 84 10.83 0.06 -2.01
CA ARG A 84 10.58 1.14 -1.04
C ARG A 84 11.69 2.21 -1.06
N SER A 85 12.94 1.78 -0.94
CA SER A 85 14.09 2.69 -0.89
C SER A 85 14.22 3.54 -2.14
N VAL A 86 13.97 2.91 -3.28
CA VAL A 86 14.01 3.63 -4.54
C VAL A 86 12.97 4.74 -4.51
N ALA A 87 11.76 4.42 -4.04
CA ALA A 87 10.68 5.41 -3.94
C ALA A 87 11.06 6.59 -3.05
N GLU A 88 11.73 6.29 -1.93
CA GLU A 88 12.11 7.32 -0.96
C GLU A 88 13.19 8.23 -1.50
N ASN A 89 14.09 7.66 -2.30
CA ASN A 89 15.34 8.32 -2.65
C ASN A 89 15.39 8.99 -4.02
N TYR A 90 14.42 8.68 -4.90
CA TYR A 90 14.46 9.16 -6.27
C TYR A 90 13.09 9.61 -6.75
N PRO A 91 13.04 10.49 -7.76
CA PRO A 91 11.75 10.90 -8.31
C PRO A 91 11.01 9.69 -8.89
N LEU A 92 9.77 9.49 -8.46
CA LEU A 92 9.00 8.32 -8.85
C LEU A 92 7.84 8.72 -9.74
N THR A 93 7.66 8.04 -10.87
CA THR A 93 6.48 8.30 -11.69
C THR A 93 5.34 7.34 -11.38
N THR A 94 4.13 7.74 -11.73
CA THR A 94 2.95 6.91 -11.50
C THR A 94 3.01 5.71 -12.41
N THR A 95 3.74 5.88 -13.50
CA THR A 95 3.99 4.79 -14.43
C THR A 95 4.78 3.66 -13.79
N THR A 96 5.85 4.00 -13.07
CA THR A 96 6.61 2.96 -12.39
C THR A 96 5.76 2.30 -11.30
N VAL A 97 4.94 3.11 -10.63
CA VAL A 97 4.01 2.57 -9.65
C VAL A 97 3.04 1.54 -10.27
N ASP A 98 2.37 1.94 -11.34
CA ASP A 98 1.48 1.07 -12.10
C ASP A 98 2.06 -0.30 -12.40
N LEU A 99 3.35 -0.30 -12.72
CA LEU A 99 3.98 -1.52 -13.20
C LEU A 99 4.03 -2.61 -12.14
N VAL A 100 4.16 -2.22 -10.88
CA VAL A 100 4.41 -3.22 -9.84
C VAL A 100 3.37 -3.23 -8.71
N ILE A 101 2.52 -2.20 -8.63
CA ILE A 101 1.68 -2.02 -7.44
C ILE A 101 0.70 -3.18 -7.20
N ASN A 102 0.21 -3.81 -8.26
CA ASN A 102 -0.77 -4.88 -8.08
C ASN A 102 -0.15 -6.10 -7.43
N GLU A 103 1.11 -6.37 -7.75
CA GLU A 103 1.83 -7.45 -7.12
C GLU A 103 2.09 -7.09 -5.66
N ILE A 104 2.41 -5.83 -5.40
CA ILE A 104 2.64 -5.36 -4.04
C ILE A 104 1.38 -5.50 -3.20
N ILE A 105 0.25 -5.08 -3.76
CA ILE A 105 -1.03 -5.16 -3.07
C ILE A 105 -1.39 -6.60 -2.70
N GLU A 106 -1.07 -7.53 -3.59
CA GLU A 106 -1.31 -8.95 -3.32
C GLU A 106 -0.54 -9.42 -2.09
N LYS A 107 0.65 -8.87 -1.90
CA LYS A 107 1.53 -9.26 -0.80
C LYS A 107 1.06 -8.71 0.55
N LEU A 108 -0.01 -7.90 0.54
CA LEU A 108 -0.58 -7.34 1.78
C LEU A 108 -1.09 -8.43 2.69
N ALA A 109 -1.51 -9.54 2.07
CA ALA A 109 -2.04 -10.70 2.78
C ALA A 109 -0.96 -11.74 3.17
N ASP A 110 0.25 -11.59 2.64
CA ASP A 110 1.40 -12.41 3.07
C ASP A 110 1.67 -12.18 4.55
N ALA A 111 1.69 -13.25 5.35
CA ALA A 111 1.89 -13.11 6.79
C ALA A 111 3.23 -12.48 7.11
N LYS A 112 4.28 -12.97 6.45
CA LYS A 112 5.65 -12.55 6.73
C LYS A 112 6.02 -11.23 6.06
N ASN A 113 5.49 -10.99 4.85
CA ASN A 113 5.94 -9.87 4.04
C ASN A 113 4.89 -8.76 3.87
N GLY A 114 3.74 -8.94 4.52
CA GLY A 114 2.66 -7.97 4.45
C GLY A 114 3.08 -6.58 4.86
N ALA A 115 3.73 -6.48 6.01
CA ALA A 115 4.14 -5.17 6.54
C ALA A 115 5.12 -4.47 5.60
N ALA A 116 6.01 -5.24 4.97
CA ALA A 116 7.00 -4.69 4.06
C ALA A 116 6.35 -4.26 2.73
N ALA A 117 5.34 -5.00 2.28
CA ALA A 117 4.53 -4.59 1.15
C ALA A 117 3.76 -3.30 1.44
N ALA A 118 3.24 -3.17 2.66
CA ALA A 118 2.52 -1.96 3.06
C ALA A 118 3.44 -0.76 3.07
N ASP A 119 4.68 -0.94 3.52
CA ASP A 119 5.63 0.18 3.53
C ASP A 119 6.05 0.58 2.11
N VAL A 120 5.99 -0.35 1.17
CA VAL A 120 6.15 0.04 -0.25
C VAL A 120 5.00 0.96 -0.67
N LEU A 121 3.78 0.54 -0.40
CA LEU A 121 2.62 1.37 -0.75
C LEU A 121 2.74 2.78 -0.16
N SER A 122 3.14 2.86 1.11
CA SER A 122 3.27 4.15 1.79
C SER A 122 4.34 4.99 1.14
N ALA A 123 5.47 4.39 0.78
CA ALA A 123 6.50 5.14 0.09
C ALA A 123 6.00 5.58 -1.29
N PHE A 124 5.27 4.72 -1.99
CA PHE A 124 4.68 5.11 -3.29
C PHE A 124 3.80 6.35 -3.12
N ALA A 125 3.00 6.36 -2.04
CA ALA A 125 2.04 7.44 -1.85
C ALA A 125 2.76 8.74 -1.57
N GLU A 126 3.83 8.65 -0.80
CA GLU A 126 4.60 9.84 -0.47
C GLU A 126 5.40 10.35 -1.68
N ALA A 127 5.85 9.43 -2.52
CA ALA A 127 6.66 9.79 -3.68
C ALA A 127 5.82 10.27 -4.86
N THR A 128 4.52 9.97 -4.83
CA THR A 128 3.62 10.44 -5.87
C THR A 128 2.48 11.21 -5.20
N LYS A 129 1.33 10.57 -5.04
CA LYS A 129 0.27 11.16 -4.22
C LYS A 129 -0.57 10.08 -3.57
N LEU A 130 -1.06 10.38 -2.38
CA LEU A 130 -1.85 9.45 -1.61
C LEU A 130 -3.09 9.08 -2.40
N GLU A 131 -3.68 10.09 -3.03
CA GLU A 131 -4.88 9.96 -3.85
C GLU A 131 -4.71 8.90 -4.93
N TYR A 132 -3.62 9.03 -5.68
CA TYR A 132 -3.32 8.10 -6.76
C TYR A 132 -3.17 6.67 -6.25
N VAL A 133 -2.42 6.48 -5.15
CA VAL A 133 -2.14 5.13 -4.68
C VAL A 133 -3.37 4.50 -4.02
N VAL A 134 -4.09 5.27 -3.21
CA VAL A 134 -5.34 4.77 -2.62
C VAL A 134 -6.32 4.30 -3.69
N GLY A 135 -6.50 5.11 -4.73
CA GLY A 135 -7.31 4.70 -5.88
C GLY A 135 -6.86 3.38 -6.48
N LYS A 136 -5.57 3.27 -6.81
CA LYS A 136 -5.05 2.01 -7.37
C LYS A 136 -5.26 0.85 -6.38
N VAL A 137 -5.11 1.12 -5.09
CA VAL A 137 -5.17 0.06 -4.08
C VAL A 137 -6.60 -0.49 -3.91
N LEU A 138 -7.56 0.42 -3.75
CA LEU A 138 -8.96 0.02 -3.59
C LEU A 138 -9.51 -0.54 -4.89
N SER A 139 -9.13 0.04 -6.01
CA SER A 139 -9.60 -0.47 -7.30
C SER A 139 -9.21 -1.93 -7.44
N PHE A 140 -7.94 -2.22 -7.21
CA PHE A 140 -7.45 -3.61 -7.37
C PHE A 140 -7.99 -4.56 -6.32
N ALA A 141 -8.09 -4.09 -5.08
CA ALA A 141 -8.63 -4.89 -3.99
C ALA A 141 -10.00 -5.47 -4.33
N PHE A 142 -10.78 -4.74 -5.12
CA PHE A 142 -12.15 -5.14 -5.44
C PHE A 142 -12.25 -6.02 -6.68
N GLU A 143 -11.38 -5.78 -7.66
CA GLU A 143 -11.32 -6.61 -8.86
C GLU A 143 -10.84 -8.00 -8.46
N GLN A 144 -9.80 -7.99 -7.66
CA GLN A 144 -9.19 -9.15 -7.05
C GLN A 144 -10.22 -9.85 -6.14
N LYS A 145 -9.96 -11.12 -5.78
CA LYS A 145 -11.04 -11.86 -5.11
C LYS A 145 -10.73 -12.50 -3.74
N SER A 146 -9.51 -12.31 -3.21
CA SER A 146 -9.25 -12.72 -1.82
C SER A 146 -9.67 -11.67 -0.79
N PRO A 147 -10.54 -12.08 0.16
CA PRO A 147 -11.02 -11.22 1.26
C PRO A 147 -9.90 -10.66 2.12
N LYS A 148 -8.79 -11.37 2.25
CA LYS A 148 -7.72 -10.92 3.13
C LYS A 148 -6.98 -9.76 2.49
N VAL A 149 -6.82 -9.81 1.17
CA VAL A 149 -6.23 -8.69 0.45
C VAL A 149 -7.15 -7.47 0.62
N GLN A 150 -8.46 -7.71 0.55
CA GLN A 150 -9.43 -6.63 0.67
C GLN A 150 -9.34 -5.94 2.02
N SER A 151 -9.44 -6.71 3.09
CA SER A 151 -9.43 -6.10 4.41
C SER A 151 -8.06 -5.48 4.69
N GLU A 152 -6.99 -6.13 4.26
CA GLU A 152 -5.65 -5.61 4.47
C GLU A 152 -5.44 -4.32 3.69
N ALA A 153 -6.09 -4.22 2.53
CA ALA A 153 -6.09 -2.98 1.75
C ALA A 153 -6.84 -1.84 2.48
N PHE A 154 -8.02 -2.14 3.04
CA PHE A 154 -8.72 -1.16 3.86
C PHE A 154 -7.91 -0.75 5.08
N ASN A 155 -7.23 -1.70 5.71
CA ASN A 155 -6.39 -1.39 6.87
C ASN A 155 -5.27 -0.42 6.52
N TRP A 156 -4.70 -0.59 5.32
CA TRP A 156 -3.64 0.27 4.86
C TRP A 156 -4.16 1.67 4.52
N VAL A 157 -5.31 1.74 3.85
CA VAL A 157 -5.89 3.04 3.53
C VAL A 157 -6.25 3.79 4.82
N ASN A 158 -6.83 3.08 5.77
CA ASN A 158 -7.15 3.61 7.09
C ASN A 158 -5.96 4.29 7.75
N ARG A 159 -4.90 3.53 7.95
CA ARG A 159 -3.68 4.04 8.55
C ARG A 159 -3.05 5.20 7.75
N SER A 160 -3.08 5.11 6.42
CA SER A 160 -2.57 6.16 5.57
C SER A 160 -3.34 7.46 5.74
N ILE A 161 -4.64 7.37 5.99
CA ILE A 161 -5.42 8.57 6.22
C ILE A 161 -4.93 9.22 7.52
N ILE A 162 -4.64 8.40 8.52
CA ILE A 162 -4.13 8.91 9.78
C ILE A 162 -2.76 9.57 9.57
N GLU A 163 -1.90 8.93 8.78
CA GLU A 163 -0.52 9.40 8.61
C GLU A 163 -0.37 10.62 7.72
N PHE A 164 -1.19 10.67 6.66
CA PHE A 164 -1.07 11.71 5.64
C PHE A 164 -2.07 12.86 5.85
N GLY A 165 -3.09 12.61 6.67
CA GLY A 165 -4.27 13.44 6.70
C GLY A 165 -5.22 12.97 5.61
N PHE A 166 -6.45 13.50 5.63
CA PHE A 166 -7.43 13.13 4.61
C PHE A 166 -7.16 13.86 3.28
N GLN A 167 -6.15 13.41 2.53
CA GLN A 167 -5.85 14.01 1.24
C GLN A 167 -6.54 13.21 0.15
N LEU A 168 -7.83 12.99 0.31
CA LEU A 168 -8.60 12.16 -0.60
C LEU A 168 -9.87 12.85 -1.03
N GLN A 169 -10.48 12.34 -2.11
CA GLN A 169 -11.80 12.80 -2.52
C GLN A 169 -12.86 12.01 -1.78
N PRO A 170 -13.66 12.70 -0.95
CA PRO A 170 -14.61 11.97 -0.09
C PRO A 170 -15.66 11.16 -0.86
N LYS A 171 -16.21 11.72 -1.94
CA LYS A 171 -17.29 11.06 -2.68
C LYS A 171 -16.92 9.64 -3.12
N THR A 172 -15.83 9.49 -3.86
CA THR A 172 -15.49 8.15 -4.33
C THR A 172 -15.04 7.28 -3.16
N LEU A 173 -14.31 7.87 -2.21
CA LEU A 173 -13.88 7.11 -1.04
C LEU A 173 -15.06 6.52 -0.26
N ILE A 174 -16.12 7.31 -0.09
CA ILE A 174 -17.33 6.81 0.58
C ILE A 174 -17.93 5.66 -0.23
N GLU A 175 -17.91 5.79 -1.55
CA GLU A 175 -18.41 4.71 -2.40
C GLU A 175 -17.58 3.42 -2.24
N ASP A 176 -16.26 3.56 -2.14
CA ASP A 176 -15.40 2.40 -1.92
C ASP A 176 -15.64 1.74 -0.57
N VAL A 177 -15.67 2.52 0.50
CA VAL A 177 -15.82 1.92 1.82
C VAL A 177 -17.22 1.37 1.98
N ARG A 178 -18.17 1.90 1.20
CA ARG A 178 -19.53 1.38 1.20
C ARG A 178 -19.55 -0.07 0.74
N LYS A 179 -18.81 -0.34 -0.33
CA LYS A 179 -18.63 -1.71 -0.82
C LYS A 179 -18.09 -2.61 0.26
N GLY A 180 -17.05 -2.18 0.95
CA GLY A 180 -16.48 -2.99 2.02
C GLY A 180 -17.42 -3.18 3.19
N VAL A 181 -18.19 -2.14 3.52
CA VAL A 181 -19.10 -2.22 4.66
C VAL A 181 -20.24 -3.23 4.39
N GLN A 182 -20.51 -3.47 3.10
CA GLN A 182 -21.53 -4.41 2.69
C GLN A 182 -20.98 -5.77 2.26
N SER A 183 -19.81 -6.13 2.77
CA SER A 183 -19.19 -7.41 2.45
C SER A 183 -19.85 -8.56 3.20
N THR A 184 -19.96 -9.71 2.55
CA THR A 184 -20.38 -10.92 3.26
C THR A 184 -19.28 -11.38 4.20
N ASN A 185 -18.04 -10.97 3.93
CA ASN A 185 -16.92 -11.29 4.80
C ASN A 185 -16.81 -10.30 5.95
N PRO A 186 -16.90 -10.79 7.19
CA PRO A 186 -16.91 -9.95 8.41
C PRO A 186 -15.57 -9.27 8.70
N THR A 187 -14.46 -9.81 8.21
CA THR A 187 -13.18 -9.18 8.45
C THR A 187 -13.06 -7.96 7.54
N VAL A 188 -13.52 -8.10 6.30
CA VAL A 188 -13.56 -6.99 5.36
C VAL A 188 -14.50 -5.90 5.88
N ARG A 189 -15.67 -6.31 6.37
CA ARG A 189 -16.67 -5.41 6.93
C ARG A 189 -16.05 -4.59 8.04
N ALA A 190 -15.48 -5.28 9.02
CA ALA A 190 -14.86 -4.62 10.16
C ALA A 190 -13.77 -3.64 9.76
N SER A 191 -12.94 -4.03 8.79
CA SER A 191 -11.88 -3.14 8.33
C SER A 191 -12.46 -1.90 7.61
N ALA A 192 -13.56 -2.09 6.88
CA ALA A 192 -14.20 -0.97 6.20
C ALA A 192 -14.91 -0.06 7.20
N ILE A 193 -15.56 -0.68 8.17
CA ILE A 193 -16.26 0.05 9.20
C ILE A 193 -15.27 0.84 10.04
N GLN A 194 -14.13 0.22 10.35
CA GLN A 194 -13.11 0.94 11.10
C GLN A 194 -12.63 2.13 10.29
N MET A 195 -12.51 1.96 8.98
CA MET A 195 -12.12 3.07 8.13
C MET A 195 -13.15 4.22 8.16
N VAL A 196 -14.43 3.88 8.27
CA VAL A 196 -15.46 4.90 8.43
C VAL A 196 -15.18 5.70 9.70
N GLY A 197 -14.89 4.99 10.78
CA GLY A 197 -14.50 5.60 12.04
C GLY A 197 -13.40 6.64 11.87
N THR A 198 -12.36 6.29 11.14
CA THR A 198 -11.24 7.20 10.91
C THR A 198 -11.65 8.40 10.06
N MET A 199 -12.38 8.12 8.99
CA MET A 199 -12.88 9.18 8.11
C MET A 199 -13.72 10.20 8.88
N SER A 200 -14.51 9.74 9.85
CA SER A 200 -15.40 10.63 10.58
C SER A 200 -14.65 11.72 11.33
N MET A 201 -13.38 11.48 11.63
CA MET A 201 -12.52 12.47 12.30
C MET A 201 -12.18 13.65 11.41
N TYR A 202 -12.36 13.46 10.11
CA TYR A 202 -11.96 14.49 9.15
C TYR A 202 -13.19 15.06 8.47
N MET A 203 -14.24 14.25 8.35
CA MET A 203 -15.45 14.58 7.60
C MET A 203 -16.64 15.04 8.46
N GLY A 204 -16.64 14.65 9.73
CA GLY A 204 -17.65 15.10 10.68
C GLY A 204 -18.88 14.21 10.75
N LYS A 205 -19.80 14.56 11.64
CA LYS A 205 -21.07 13.85 11.82
C LYS A 205 -21.89 13.65 10.55
N ALA A 206 -21.80 14.59 9.59
CA ALA A 206 -22.52 14.47 8.33
C ALA A 206 -22.19 13.20 7.54
N LEU A 207 -20.98 12.66 7.75
CA LEU A 207 -20.58 11.42 7.08
C LEU A 207 -21.55 10.28 7.41
N MET A 208 -22.10 10.28 8.62
CA MET A 208 -23.00 9.20 9.01
C MET A 208 -24.25 9.14 8.13
N MET A 209 -24.61 10.26 7.52
CA MET A 209 -25.80 10.31 6.67
C MET A 209 -25.66 9.46 5.42
N PHE A 210 -24.42 9.20 5.02
CA PHE A 210 -24.18 8.36 3.84
C PHE A 210 -24.35 6.87 4.15
N PHE A 211 -24.54 6.56 5.42
CA PHE A 211 -24.72 5.18 5.84
C PHE A 211 -26.04 5.01 6.60
N ASP A 212 -26.86 6.06 6.60
CA ASP A 212 -28.06 6.10 7.43
C ASP A 212 -29.16 5.14 6.95
N SER A 213 -28.98 4.56 5.78
CA SER A 213 -29.99 3.67 5.23
C SER A 213 -29.48 2.23 5.06
N GLU A 214 -28.44 1.87 5.79
CA GLU A 214 -27.97 0.49 5.75
C GLU A 214 -28.87 -0.33 6.66
N LYS A 215 -28.89 -1.65 6.44
CA LYS A 215 -29.57 -2.58 7.35
C LYS A 215 -29.25 -2.23 8.80
N PRO A 216 -30.26 -2.31 9.67
CA PRO A 216 -30.14 -2.01 11.10
C PRO A 216 -28.87 -2.55 11.74
N ALA A 217 -28.61 -3.84 11.54
CA ALA A 217 -27.43 -4.49 12.10
C ALA A 217 -26.16 -3.74 11.71
N LEU A 218 -25.99 -3.53 10.43
CA LEU A 218 -24.81 -2.85 9.88
C LEU A 218 -24.73 -1.40 10.34
N LYS A 219 -25.84 -0.68 10.17
CA LYS A 219 -25.94 0.72 10.58
C LYS A 219 -25.62 0.89 12.07
N SER A 220 -26.10 -0.04 12.90
CA SER A 220 -25.79 -0.01 14.32
C SER A 220 -24.29 -0.15 14.54
N GLN A 221 -23.67 -1.04 13.78
CA GLN A 221 -22.25 -1.31 13.90
C GLN A 221 -21.43 -0.08 13.48
N ILE A 222 -21.77 0.48 12.32
CA ILE A 222 -21.16 1.72 11.85
C ILE A 222 -21.31 2.87 12.85
N GLN A 223 -22.51 3.04 13.40
CA GLN A 223 -22.76 4.11 14.37
C GLN A 223 -21.87 4.00 15.62
N VAL A 224 -21.69 2.78 16.13
CA VAL A 224 -20.80 2.55 17.26
C VAL A 224 -19.39 3.09 16.99
N GLU A 225 -18.82 2.66 15.86
CA GLU A 225 -17.49 3.10 15.47
C GLU A 225 -17.48 4.60 15.21
N PHE A 226 -18.57 5.09 14.64
CA PHE A 226 -18.70 6.52 14.41
C PHE A 226 -18.69 7.32 15.72
N ASP A 227 -19.42 6.81 16.73
CA ASP A 227 -19.45 7.45 18.05
C ASP A 227 -18.08 7.50 18.71
N LYS A 228 -17.30 6.45 18.55
CA LYS A 228 -15.98 6.37 19.18
C LYS A 228 -14.96 7.35 18.58
N ASN A 229 -15.27 7.92 17.42
CA ASN A 229 -14.25 8.65 16.65
C ASN A 229 -14.58 10.08 16.28
N VAL A 230 -15.87 10.38 16.10
CA VAL A 230 -16.24 11.64 15.47
C VAL A 230 -15.89 12.85 16.33
N GLY A 231 -15.91 12.69 17.65
CA GLY A 231 -15.49 13.76 18.54
C GLY A 231 -13.98 13.81 18.78
N GLU A 232 -13.22 12.95 18.12
CA GLU A 232 -11.79 12.89 18.36
C GLU A 232 -10.99 13.76 17.40
N LYS A 233 -10.00 14.46 17.94
CA LYS A 233 -9.15 15.33 17.14
C LYS A 233 -8.07 14.51 16.45
N PRO A 234 -7.97 14.62 15.11
CA PRO A 234 -7.00 13.84 14.32
C PRO A 234 -5.57 14.25 14.57
N PRO A 235 -4.65 13.26 14.62
CA PRO A 235 -3.22 13.52 14.70
C PRO A 235 -2.76 14.40 13.56
N LYS A 236 -1.84 15.31 13.84
CA LYS A 236 -1.09 15.98 12.79
C LYS A 236 -0.45 14.92 11.91
N PRO A 237 -0.56 15.10 10.59
CA PRO A 237 0.08 14.20 9.61
C PRO A 237 1.57 14.04 9.86
N VAL A 238 2.09 12.81 9.77
CA VAL A 238 3.51 12.56 9.93
C VAL A 238 4.17 12.26 8.58
N ARG A 239 3.36 12.03 7.55
CA ARG A 239 3.90 11.76 6.22
C ARG A 239 3.32 12.74 5.22
N GLY A 240 4.01 12.89 4.09
CA GLY A 240 3.54 13.74 3.00
C GLY A 240 3.75 15.22 3.26
N VAL A 241 4.45 15.53 4.35
CA VAL A 241 4.77 16.90 4.72
C VAL A 241 6.21 17.25 4.34
#